data_2YCD
#
_entry.id   2YCD
#
_cell.length_a   49.200
_cell.length_b   95.500
_cell.length_c   88.100
_cell.angle_alpha   90.00
_cell.angle_beta   90.00
_cell.angle_gamma   90.00
#
_symmetry.space_group_name_H-M   'C 2 2 21'
#
loop_
_entity.id
_entity.type
_entity.pdbx_description
1 polymer 'GLUTATHIONE S-TRANSFERASE'
2 non-polymer S-(P-NITROBENZYL)GLUTATHIONE
3 non-polymer 'PHOSPHATE ION'
4 water water
#
_entity_poly.entity_id   1
_entity_poly.type   'polypeptide(L)'
_entity_poly.pdbx_seq_one_letter_code
;MSNIETVPASIEMKPNPTITVFERSPDGGRGLARDMPVRWALEEVGQPYHVRRLSFEAMKEASHLAYQPFGQIPSYEQGD
LILFESGAIVMHIAQHHSGLLPEDQLRRARTVAWMFAALNTIEPSILNFTTVWLFERNEPWHEARLARTKEQLLKRLDEL
SAWLGDREWLEGSFSAADILMICVLRRLESSGILKDYGNLLAYVERGKARPAFKRAFDAQLAVFTAASKN
;
_entity_poly.pdbx_strand_id   A
#
# COMPACT_ATOMS: atom_id res chain seq x y z
N LYS A 14 -2.22 18.79 19.52
CA LYS A 14 -2.01 18.37 18.15
C LYS A 14 -3.22 17.61 17.63
N PRO A 15 -3.82 18.07 16.54
CA PRO A 15 -5.04 17.44 16.04
C PRO A 15 -4.75 16.12 15.32
N ASN A 16 -5.56 15.11 15.59
CA ASN A 16 -5.54 13.86 14.83
C ASN A 16 -5.72 14.16 13.34
N PRO A 17 -5.06 13.38 12.47
CA PRO A 17 -5.27 13.55 11.03
C PRO A 17 -6.56 12.87 10.56
N THR A 18 -7.05 13.35 9.41
CA THR A 18 -8.22 12.81 8.75
C THR A 18 -7.81 12.34 7.34
N ILE A 19 -8.17 11.10 6.99
CA ILE A 19 -7.86 10.58 5.68
CA ILE A 19 -7.84 10.54 5.69
C ILE A 19 -9.10 10.30 4.86
N THR A 20 -9.02 10.48 3.56
CA THR A 20 -10.17 10.15 2.71
C THR A 20 -10.10 8.72 2.24
N VAL A 21 -11.27 8.09 2.14
CA VAL A 21 -11.41 6.67 1.81
C VAL A 21 -12.68 6.50 0.98
N PHE A 22 -12.81 5.39 0.27
CA PHE A 22 -14.04 5.10 -0.46
C PHE A 22 -15.20 4.88 0.54
N GLU A 23 -16.35 5.47 0.25
CA GLU A 23 -17.57 5.08 0.95
C GLU A 23 -17.94 3.62 0.65
N ARG A 24 -17.86 3.24 -0.62
CA ARG A 24 -18.13 1.87 -1.04
C ARG A 24 -16.95 1.33 -1.84
N SER A 25 -15.96 0.79 -1.14
CA SER A 25 -14.73 0.37 -1.80
C SER A 25 -14.94 -0.77 -2.78
N PRO A 26 -14.27 -0.69 -3.94
CA PRO A 26 -14.40 -1.74 -4.95
C PRO A 26 -13.60 -2.99 -4.60
N ASP A 27 -12.98 -3.03 -3.42
CA ASP A 27 -12.13 -4.15 -3.04
C ASP A 27 -12.83 -5.28 -2.26
N GLY A 28 -14.13 -5.16 -2.06
CA GLY A 28 -14.88 -6.21 -1.37
C GLY A 28 -14.58 -6.33 0.12
N GLY A 29 -13.96 -5.30 0.69
CA GLY A 29 -13.62 -5.33 2.11
C GLY A 29 -12.29 -6.00 2.39
N ARG A 30 -11.49 -6.20 1.35
CA ARG A 30 -10.24 -6.95 1.48
C ARG A 30 -9.03 -6.08 1.84
N GLY A 31 -9.23 -4.79 2.01
CA GLY A 31 -8.16 -3.90 2.42
C GLY A 31 -7.05 -3.75 1.40
N LEU A 32 -7.45 -3.63 0.13
CA LEU A 32 -6.47 -3.53 -0.94
C LEU A 32 -6.35 -2.12 -1.49
N ALA A 33 -7.29 -1.24 -1.15
CA ALA A 33 -7.20 0.15 -1.58
C ALA A 33 -6.08 0.89 -0.84
N ARG A 34 -5.65 2.02 -1.38
CA ARG A 34 -4.42 2.67 -0.92
CA ARG A 34 -4.42 2.67 -0.92
C ARG A 34 -4.53 3.44 0.40
N ASP A 35 -5.72 3.48 0.97
CA ASP A 35 -5.84 3.95 2.35
C ASP A 35 -5.24 2.92 3.33
N MET A 36 -5.16 1.66 2.93
CA MET A 36 -4.71 0.63 3.86
C MET A 36 -3.28 0.86 4.40
N PRO A 37 -2.30 1.15 3.52
CA PRO A 37 -0.96 1.37 4.08
C PRO A 37 -0.91 2.58 5.00
N VAL A 38 -1.71 3.60 4.72
CA VAL A 38 -1.78 4.78 5.60
C VAL A 38 -2.38 4.40 6.98
N ARG A 39 -3.51 3.69 6.99
CA ARG A 39 -4.12 3.22 8.23
C ARG A 39 -3.13 2.38 9.02
N TRP A 40 -2.44 1.47 8.34
CA TRP A 40 -1.49 0.60 8.99
C TRP A 40 -0.33 1.40 9.63
N ALA A 41 0.21 2.37 8.90
CA ALA A 41 1.24 3.22 9.46
C ALA A 41 0.77 3.96 10.71
N LEU A 42 -0.42 4.55 10.64
CA LEU A 42 -0.99 5.24 11.82
C LEU A 42 -1.14 4.29 13.01
N GLU A 43 -1.61 3.08 12.76
CA GLU A 43 -1.74 2.11 13.85
C GLU A 43 -0.40 1.65 14.42
N GLU A 44 0.63 1.53 13.59
CA GLU A 44 1.96 1.13 14.07
C GLU A 44 2.53 2.19 15.01
N VAL A 45 2.28 3.46 14.73
CA VAL A 45 2.83 4.52 15.58
C VAL A 45 1.87 4.93 16.71
N GLY A 46 0.66 4.37 16.74
CA GLY A 46 -0.29 4.65 17.80
C GLY A 46 -0.91 6.03 17.69
N GLN A 47 -1.11 6.51 16.47
CA GLN A 47 -1.76 7.79 16.24
C GLN A 47 -3.25 7.63 15.91
N PRO A 48 -4.16 8.08 16.81
CA PRO A 48 -5.59 8.07 16.46
C PRO A 48 -5.87 8.90 15.23
N TYR A 49 -6.84 8.47 14.42
CA TYR A 49 -7.15 9.19 13.19
C TYR A 49 -8.63 9.08 12.87
N HIS A 50 -9.04 9.83 11.87
CA HIS A 50 -10.43 9.88 11.43
C HIS A 50 -10.49 9.68 9.94
N VAL A 51 -11.66 9.30 9.45
CA VAL A 51 -11.84 9.14 8.01
C VAL A 51 -12.99 9.97 7.50
N ARG A 52 -12.86 10.36 6.23
CA ARG A 52 -13.94 11.00 5.50
CA ARG A 52 -13.95 11.00 5.49
C ARG A 52 -14.26 10.11 4.30
N ARG A 53 -15.48 9.54 4.30
CA ARG A 53 -15.87 8.62 3.24
C ARG A 53 -16.40 9.37 2.03
N LEU A 54 -15.91 9.02 0.86
CA LEU A 54 -16.30 9.70 -0.38
C LEU A 54 -17.01 8.75 -1.31
N SER A 55 -18.17 9.17 -1.81
CA SER A 55 -18.82 8.45 -2.88
C SER A 55 -18.04 8.64 -4.16
N PHE A 56 -18.25 7.77 -5.14
CA PHE A 56 -17.56 7.89 -6.40
C PHE A 56 -17.84 9.23 -7.07
N GLU A 57 -19.06 9.71 -6.89
CA GLU A 57 -19.46 11.01 -7.43
C GLU A 57 -18.76 12.16 -6.70
N ALA A 58 -18.66 12.05 -5.38
CA ALA A 58 -17.98 13.08 -4.58
C ALA A 58 -16.50 13.20 -4.94
N MET A 59 -15.87 12.09 -5.27
CA MET A 59 -14.44 12.08 -5.57
C MET A 59 -14.12 12.85 -6.85
N LYS A 60 -15.14 13.01 -7.70
CA LYS A 60 -14.97 13.69 -8.98
C LYS A 60 -15.33 15.17 -8.92
N GLU A 61 -15.90 15.61 -7.80
CA GLU A 61 -16.30 17.01 -7.64
C GLU A 61 -15.07 17.91 -7.49
N ALA A 62 -15.21 19.16 -7.91
CA ALA A 62 -14.11 20.11 -7.84
C ALA A 62 -13.60 20.35 -6.42
N SER A 63 -14.47 20.14 -5.44
CA SER A 63 -14.10 20.31 -4.03
CA SER A 63 -14.09 20.32 -4.04
C SER A 63 -13.04 19.30 -3.59
N HIS A 64 -13.12 18.08 -4.13
CA HIS A 64 -12.15 17.07 -3.73
C HIS A 64 -10.75 17.35 -4.29
N LEU A 65 -10.68 18.07 -5.41
CA LEU A 65 -9.40 18.40 -6.03
C LEU A 65 -8.53 19.29 -5.13
N ALA A 66 -9.12 20.00 -4.18
CA ALA A 66 -8.36 20.78 -3.22
C ALA A 66 -7.58 19.89 -2.25
N TYR A 67 -7.88 18.59 -2.27
CA TYR A 67 -7.24 17.63 -1.37
C TYR A 67 -6.36 16.67 -2.13
N GLN A 68 -6.84 16.26 -3.31
CA GLN A 68 -6.15 15.29 -4.14
C GLN A 68 -6.34 15.74 -5.59
N PRO A 69 -5.28 16.28 -6.21
CA PRO A 69 -5.42 16.94 -7.52
C PRO A 69 -5.80 16.01 -8.66
N PHE A 70 -5.75 14.70 -8.44
CA PHE A 70 -6.10 13.74 -9.48
C PHE A 70 -7.41 13.02 -9.16
N GLY A 71 -8.13 13.52 -8.17
CA GLY A 71 -9.45 13.00 -7.83
C GLY A 71 -9.45 11.58 -7.29
N GLN A 72 -8.38 11.22 -6.58
CA GLN A 72 -8.23 9.88 -6.06
C GLN A 72 -8.13 9.90 -4.54
N ILE A 73 -8.15 8.71 -3.93
CA ILE A 73 -7.87 8.59 -2.49
C ILE A 73 -6.59 7.75 -2.31
N PRO A 74 -5.88 7.90 -1.18
CA PRO A 74 -6.19 8.75 -0.04
C PRO A 74 -5.54 10.13 -0.05
N SER A 75 -6.15 11.06 0.66
CA SER A 75 -5.47 12.30 1.06
C SER A 75 -5.45 12.30 2.57
N TYR A 76 -4.68 13.23 3.13
CA TYR A 76 -4.40 13.30 4.55
C TYR A 76 -4.48 14.78 4.94
N GLU A 77 -5.25 15.10 5.96
CA GLU A 77 -5.41 16.48 6.41
C GLU A 77 -5.15 16.54 7.89
N GLN A 78 -4.29 17.46 8.30
CA GLN A 78 -3.96 17.64 9.71
C GLN A 78 -3.63 19.10 9.94
N GLY A 79 -4.55 19.81 10.58
CA GLY A 79 -4.38 21.25 10.68
C GLY A 79 -4.25 21.85 9.28
N ASP A 80 -3.22 22.66 9.07
CA ASP A 80 -3.02 23.35 7.80
C ASP A 80 -2.41 22.44 6.74
N LEU A 81 -1.91 21.29 7.16
CA LEU A 81 -1.23 20.39 6.24
C LEU A 81 -2.22 19.50 5.49
N ILE A 82 -2.15 19.55 4.17
CA ILE A 82 -2.87 18.60 3.32
C ILE A 82 -1.83 17.89 2.47
N LEU A 83 -1.86 16.57 2.51
CA LEU A 83 -0.95 15.73 1.72
C LEU A 83 -1.73 14.78 0.87
N PHE A 84 -1.10 14.33 -0.21
CA PHE A 84 -1.60 13.21 -0.99
C PHE A 84 -0.41 12.31 -1.33
N GLU A 85 -0.71 11.20 -2.00
CA GLU A 85 0.24 10.11 -2.30
C GLU A 85 0.43 9.20 -1.10
N SER A 86 -0.13 8.00 -1.16
CA SER A 86 0.02 7.03 -0.08
C SER A 86 1.47 6.86 0.36
N GLY A 87 2.42 6.83 -0.59
CA GLY A 87 3.83 6.69 -0.22
C GLY A 87 4.34 7.88 0.59
N ALA A 88 3.94 9.09 0.21
CA ALA A 88 4.37 10.30 0.88
C ALA A 88 3.69 10.51 2.22
N ILE A 89 2.46 10.03 2.34
CA ILE A 89 1.72 10.09 3.59
C ILE A 89 2.35 9.14 4.61
N VAL A 90 2.64 7.92 4.19
CA VAL A 90 3.40 7.00 5.02
C VAL A 90 4.76 7.58 5.40
N MET A 91 5.45 8.20 4.46
CA MET A 91 6.74 8.85 4.76
CA MET A 91 6.74 8.82 4.77
C MET A 91 6.59 9.89 5.88
N HIS A 92 5.60 10.75 5.74
CA HIS A 92 5.37 11.82 6.73
C HIS A 92 5.10 11.27 8.12
N ILE A 93 4.23 10.27 8.20
CA ILE A 93 3.94 9.61 9.46
C ILE A 93 5.23 9.01 10.06
N ALA A 94 6.01 8.34 9.22
CA ALA A 94 7.25 7.68 9.66
C ALA A 94 8.33 8.67 10.08
N GLN A 95 8.30 9.89 9.54
CA GLN A 95 9.34 10.88 9.84
C GLN A 95 9.08 11.57 11.18
N HIS A 96 7.84 11.58 11.64
CA HIS A 96 7.50 12.37 12.82
C HIS A 96 7.04 11.53 14.01
N HIS A 97 7.12 10.21 13.87
CA HIS A 97 6.89 9.30 14.96
C HIS A 97 8.07 8.33 15.02
N SER A 98 8.12 7.48 16.03
CA SER A 98 9.17 6.47 16.10
CA SER A 98 9.16 6.46 16.12
C SER A 98 8.60 5.09 15.75
N GLY A 99 9.45 4.22 15.18
CA GLY A 99 9.04 2.85 14.93
C GLY A 99 8.85 2.44 13.48
N LEU A 100 9.00 3.38 12.56
CA LEU A 100 8.84 3.06 11.13
C LEU A 100 10.06 3.40 10.27
N LEU A 101 10.99 4.21 10.80
CA LEU A 101 12.25 4.50 10.13
C LEU A 101 13.37 4.39 11.14
N PRO A 102 14.48 3.76 10.77
CA PRO A 102 15.56 3.67 11.76
C PRO A 102 16.25 5.01 11.94
N GLU A 103 16.91 5.18 13.08
CA GLU A 103 17.62 6.40 13.39
C GLU A 103 18.94 6.54 12.63
N ASP A 104 19.66 5.42 12.48
CA ASP A 104 20.93 5.45 11.77
C ASP A 104 20.71 5.92 10.33
N GLN A 105 21.51 6.90 9.91
CA GLN A 105 21.30 7.53 8.61
C GLN A 105 21.48 6.60 7.41
N LEU A 106 22.43 5.68 7.48
CA LEU A 106 22.63 4.73 6.40
C LEU A 106 21.43 3.80 6.27
N ARG A 107 21.03 3.23 7.39
CA ARG A 107 19.88 2.32 7.40
C ARG A 107 18.61 3.05 6.96
N ARG A 108 18.45 4.29 7.36
CA ARG A 108 17.29 5.07 6.96
CA ARG A 108 17.31 5.10 6.97
C ARG A 108 17.25 5.29 5.46
N ALA A 109 18.38 5.62 4.85
CA ALA A 109 18.43 5.84 3.41
C ALA A 109 18.07 4.57 2.66
N ARG A 110 18.53 3.42 3.13
CA ARG A 110 18.17 2.16 2.49
C ARG A 110 16.68 1.81 2.68
N THR A 111 16.10 2.19 3.82
CA THR A 111 14.68 1.98 4.05
C THR A 111 13.88 2.79 3.03
N VAL A 112 14.29 4.04 2.80
CA VAL A 112 13.64 4.87 1.80
C VAL A 112 13.80 4.26 0.40
N ALA A 113 14.98 3.72 0.06
CA ALA A 113 15.12 2.99 -1.19
C ALA A 113 14.02 1.91 -1.36
N TRP A 114 13.78 1.12 -0.32
CA TRP A 114 12.80 0.05 -0.41
C TRP A 114 11.36 0.58 -0.47
N MET A 115 11.08 1.72 0.15
CA MET A 115 9.77 2.39 -0.03
C MET A 115 9.53 2.73 -1.50
N PHE A 116 10.51 3.35 -2.14
CA PHE A 116 10.41 3.62 -3.56
C PHE A 116 10.36 2.36 -4.42
N ALA A 117 11.12 1.33 -4.06
CA ALA A 117 11.09 0.09 -4.83
C ALA A 117 9.73 -0.58 -4.79
N ALA A 118 9.09 -0.58 -3.63
CA ALA A 118 7.74 -1.14 -3.53
C ALA A 118 6.85 -0.48 -4.55
N LEU A 119 6.90 0.85 -4.65
CA LEU A 119 5.93 1.59 -5.47
C LEU A 119 6.36 1.80 -6.92
N ASN A 120 7.68 1.77 -7.20
CA ASN A 120 8.18 2.16 -8.52
CA ASN A 120 8.20 2.14 -8.51
C ASN A 120 8.90 1.04 -9.29
N THR A 121 9.10 -0.09 -8.62
CA THR A 121 9.65 -1.28 -9.29
C THR A 121 8.68 -2.47 -9.16
N ILE A 122 8.29 -2.83 -7.94
CA ILE A 122 7.40 -3.98 -7.76
C ILE A 122 5.95 -3.67 -8.19
N GLU A 123 5.41 -2.56 -7.71
CA GLU A 123 4.02 -2.25 -8.02
C GLU A 123 3.73 -2.20 -9.53
N PRO A 124 4.54 -1.49 -10.33
CA PRO A 124 4.20 -1.47 -11.76
C PRO A 124 4.17 -2.85 -12.39
N SER A 125 5.06 -3.75 -11.99
CA SER A 125 5.05 -5.11 -12.51
CA SER A 125 5.04 -5.11 -12.55
CA SER A 125 5.05 -5.12 -12.53
C SER A 125 3.76 -5.85 -12.14
N ILE A 126 3.28 -5.62 -10.93
CA ILE A 126 2.05 -6.24 -10.48
C ILE A 126 0.85 -5.65 -11.19
N LEU A 127 0.78 -4.33 -11.27
CA LEU A 127 -0.38 -3.68 -11.87
C LEU A 127 -0.46 -3.92 -13.38
N ASN A 128 0.68 -4.02 -14.05
CA ASN A 128 0.65 -4.30 -15.49
C ASN A 128 -0.03 -5.66 -15.70
N PHE A 129 0.23 -6.59 -14.80
CA PHE A 129 -0.41 -7.90 -14.84
C PHE A 129 -1.88 -7.89 -14.42
N THR A 130 -2.19 -7.31 -13.27
CA THR A 130 -3.57 -7.37 -12.78
C THR A 130 -4.54 -6.57 -13.65
N THR A 131 -4.05 -5.53 -14.31
CA THR A 131 -4.86 -4.73 -15.21
C THR A 131 -5.34 -5.58 -16.40
N VAL A 132 -4.42 -6.30 -17.03
CA VAL A 132 -4.76 -7.21 -18.11
C VAL A 132 -5.64 -8.34 -17.58
N TRP A 133 -5.24 -8.92 -16.46
CA TRP A 133 -5.91 -10.09 -15.92
C TRP A 133 -7.37 -9.81 -15.59
N LEU A 134 -7.64 -8.66 -14.97
CA LEU A 134 -8.98 -8.35 -14.48
C LEU A 134 -9.81 -7.46 -15.42
N PHE A 135 -9.18 -6.46 -16.02
CA PHE A 135 -9.91 -5.41 -16.73
C PHE A 135 -10.02 -5.64 -18.24
N GLU A 136 -9.24 -6.56 -18.79
CA GLU A 136 -9.16 -6.70 -20.24
C GLU A 136 -9.51 -8.07 -20.82
N ARG A 137 -10.35 -8.84 -20.12
CA ARG A 137 -10.84 -10.10 -20.68
C ARG A 137 -11.75 -9.81 -21.86
N ASN A 138 -11.96 -10.83 -22.70
CA ASN A 138 -12.89 -10.72 -23.82
C ASN A 138 -12.54 -9.59 -24.76
N GLU A 139 -11.25 -9.34 -24.90
CA GLU A 139 -10.71 -8.54 -26.00
C GLU A 139 -9.27 -8.95 -26.24
N PRO A 140 -9.07 -9.94 -27.14
CA PRO A 140 -7.76 -10.52 -27.38
C PRO A 140 -6.74 -9.51 -27.91
N TRP A 141 -5.47 -9.90 -27.87
CA TRP A 141 -5.09 -11.21 -27.36
C TRP A 141 -4.98 -11.21 -25.83
N HIS A 142 -6.12 -11.21 -25.15
CA HIS A 142 -6.11 -11.13 -23.69
C HIS A 142 -5.09 -12.10 -23.10
N GLU A 143 -5.26 -13.39 -23.38
CA GLU A 143 -4.35 -14.40 -22.84
C GLU A 143 -2.91 -14.18 -23.29
N ALA A 144 -2.73 -13.57 -24.45
CA ALA A 144 -1.38 -13.28 -24.95
C ALA A 144 -0.71 -12.12 -24.20
N ARG A 145 -1.44 -11.03 -24.00
CA ARG A 145 -0.92 -9.87 -23.26
C ARG A 145 -0.74 -10.27 -21.79
N LEU A 146 -1.63 -11.15 -21.34
CA LEU A 146 -1.52 -11.72 -20.01
C LEU A 146 -0.21 -12.50 -19.84
N ALA A 147 0.11 -13.34 -20.82
CA ALA A 147 1.33 -14.14 -20.72
C ALA A 147 2.56 -13.25 -20.63
N ARG A 148 2.60 -12.18 -21.42
CA ARG A 148 3.74 -11.28 -21.42
C ARG A 148 3.90 -10.56 -20.09
N THR A 149 2.83 -9.99 -19.57
CA THR A 149 2.93 -9.28 -18.29
C THR A 149 3.23 -10.27 -17.18
N LYS A 150 2.68 -11.48 -17.27
CA LYS A 150 2.97 -12.48 -16.24
C LYS A 150 4.45 -12.86 -16.22
N GLU A 151 5.04 -13.00 -17.40
CA GLU A 151 6.47 -13.34 -17.47
C GLU A 151 7.32 -12.25 -16.82
N GLN A 152 7.04 -10.99 -17.12
CA GLN A 152 7.78 -9.89 -16.51
C GLN A 152 7.57 -9.84 -14.99
N LEU A 153 6.34 -10.13 -14.54
CA LEU A 153 6.06 -10.17 -13.12
C LEU A 153 6.85 -11.28 -12.39
N LEU A 154 6.84 -12.49 -12.96
CA LEU A 154 7.55 -13.59 -12.33
C LEU A 154 9.04 -13.31 -12.21
N LYS A 155 9.62 -12.65 -13.21
CA LYS A 155 11.02 -12.25 -13.16
C LYS A 155 11.30 -11.30 -11.98
N ARG A 156 10.43 -10.30 -11.79
CA ARG A 156 10.59 -9.37 -10.66
C ARG A 156 10.40 -10.07 -9.32
N LEU A 157 9.47 -11.01 -9.24
CA LEU A 157 9.28 -11.77 -8.01
C LEU A 157 10.47 -12.71 -7.72
N ASP A 158 11.02 -13.31 -8.78
CA ASP A 158 12.26 -14.09 -8.65
C ASP A 158 13.33 -13.21 -8.01
N GLU A 159 13.51 -12.00 -8.55
CA GLU A 159 14.53 -11.08 -8.07
C GLU A 159 14.29 -10.65 -6.61
N LEU A 160 13.04 -10.31 -6.29
CA LEU A 160 12.73 -9.90 -4.93
C LEU A 160 12.93 -11.03 -3.92
N SER A 161 12.50 -12.23 -4.32
CA SER A 161 12.62 -13.41 -3.47
C SER A 161 14.08 -13.77 -3.20
N ALA A 162 14.90 -13.68 -4.24
CA ALA A 162 16.32 -14.01 -4.09
C ALA A 162 16.97 -13.00 -3.17
N TRP A 163 16.61 -11.74 -3.32
CA TRP A 163 17.22 -10.74 -2.49
C TRP A 163 16.79 -10.89 -1.02
N LEU A 164 15.50 -11.17 -0.78
CA LEU A 164 14.99 -11.24 0.58
C LEU A 164 15.63 -12.40 1.36
N GLY A 165 15.86 -13.53 0.69
CA GLY A 165 16.43 -14.68 1.39
C GLY A 165 15.67 -15.02 2.66
N ASP A 166 16.38 -15.08 3.79
CA ASP A 166 15.78 -15.40 5.08
C ASP A 166 15.55 -14.17 5.97
N ARG A 167 15.61 -12.98 5.39
CA ARG A 167 15.38 -11.76 6.17
C ARG A 167 13.96 -11.74 6.71
N GLU A 168 13.79 -11.29 7.96
CA GLU A 168 12.45 -11.10 8.52
C GLU A 168 11.75 -9.95 7.78
N TRP A 169 12.48 -8.84 7.61
CA TRP A 169 11.95 -7.62 6.99
C TRP A 169 12.95 -7.12 5.96
N LEU A 170 12.56 -6.13 5.17
CA LEU A 170 13.44 -5.64 4.10
C LEU A 170 14.74 -4.99 4.59
N GLU A 171 14.68 -4.18 5.63
CA GLU A 171 15.88 -3.47 6.14
C GLU A 171 15.98 -3.55 7.66
N GLY A 172 16.41 -4.70 8.16
CA GLY A 172 16.54 -4.89 9.59
C GLY A 172 15.19 -4.96 10.27
N SER A 173 14.87 -3.96 11.07
CA SER A 173 13.61 -3.99 11.81
CA SER A 173 13.62 -3.94 11.82
C SER A 173 12.44 -3.61 10.91
N PHE A 174 11.25 -4.03 11.32
CA PHE A 174 10.03 -3.68 10.60
C PHE A 174 10.04 -2.17 10.31
N SER A 175 9.63 -1.79 9.10
CA SER A 175 9.67 -0.39 8.70
C SER A 175 8.54 0.01 7.76
N ALA A 176 8.48 1.32 7.48
CA ALA A 176 7.57 1.82 6.46
C ALA A 176 7.76 1.14 5.11
N ALA A 177 8.96 0.64 4.80
CA ALA A 177 9.14 -0.06 3.53
C ALA A 177 8.31 -1.34 3.52
N ASP A 178 8.25 -2.03 4.66
CA ASP A 178 7.48 -3.26 4.71
C ASP A 178 5.99 -3.00 4.58
N ILE A 179 5.52 -1.92 5.18
CA ILE A 179 4.11 -1.55 5.02
C ILE A 179 3.78 -1.40 3.54
N LEU A 180 4.58 -0.60 2.82
CA LEU A 180 4.28 -0.35 1.41
C LEU A 180 4.45 -1.60 0.56
N MET A 181 5.51 -2.36 0.82
CA MET A 181 5.77 -3.56 0.03
C MET A 181 4.72 -4.66 0.25
N ILE A 182 4.33 -4.88 1.50
CA ILE A 182 3.33 -5.89 1.78
C ILE A 182 1.95 -5.51 1.21
N CYS A 183 1.58 -4.23 1.31
CA CYS A 183 0.30 -3.83 0.74
C CYS A 183 0.28 -3.99 -0.78
N VAL A 184 1.41 -3.72 -1.42
CA VAL A 184 1.54 -3.94 -2.87
C VAL A 184 1.42 -5.45 -3.20
N LEU A 185 2.17 -6.28 -2.48
CA LEU A 185 2.17 -7.73 -2.75
C LEU A 185 0.81 -8.35 -2.52
N ARG A 186 0.04 -7.82 -1.58
CA ARG A 186 -1.30 -8.35 -1.32
C ARG A 186 -2.24 -8.26 -2.52
N ARG A 187 -1.94 -7.38 -3.48
CA ARG A 187 -2.73 -7.35 -4.72
C ARG A 187 -2.64 -8.65 -5.51
N LEU A 188 -1.68 -9.50 -5.16
CA LEU A 188 -1.53 -10.81 -5.81
C LEU A 188 -2.19 -11.96 -5.09
N GLU A 189 -2.78 -11.71 -3.93
CA GLU A 189 -3.37 -12.82 -3.15
C GLU A 189 -4.38 -13.63 -3.96
N SER A 190 -5.31 -12.94 -4.62
CA SER A 190 -6.39 -13.60 -5.37
C SER A 190 -5.88 -14.46 -6.53
N SER A 191 -4.69 -14.14 -7.05
CA SER A 191 -4.13 -14.83 -8.21
C SER A 191 -3.46 -16.14 -7.83
N GLY A 192 -3.07 -16.27 -6.56
CA GLY A 192 -2.36 -17.46 -6.09
C GLY A 192 -0.88 -17.49 -6.46
N ILE A 193 -0.43 -16.47 -7.20
CA ILE A 193 0.95 -16.45 -7.66
C ILE A 193 2.00 -16.54 -6.54
N LEU A 194 1.71 -15.96 -5.38
CA LEU A 194 2.68 -15.97 -4.29
C LEU A 194 2.91 -17.35 -3.68
N LYS A 195 2.02 -18.29 -3.93
CA LYS A 195 2.22 -19.65 -3.43
C LYS A 195 3.50 -20.26 -4.02
N ASP A 196 3.92 -19.76 -5.17
CA ASP A 196 5.14 -20.25 -5.81
C ASP A 196 6.40 -19.55 -5.30
N TYR A 197 6.22 -18.62 -4.35
CA TYR A 197 7.33 -17.89 -3.77
C TYR A 197 7.25 -17.95 -2.24
N GLY A 198 7.67 -19.09 -1.69
CA GLY A 198 7.44 -19.37 -0.29
C GLY A 198 7.89 -18.26 0.64
N ASN A 199 9.07 -17.69 0.40
CA ASN A 199 9.55 -16.65 1.31
C ASN A 199 8.76 -15.34 1.19
N LEU A 200 8.26 -15.04 0.00
CA LEU A 200 7.41 -13.86 -0.17
C LEU A 200 6.05 -14.03 0.49
N LEU A 201 5.45 -15.22 0.33
CA LEU A 201 4.21 -15.54 1.01
C LEU A 201 4.36 -15.42 2.53
N ALA A 202 5.43 -15.98 3.06
CA ALA A 202 5.68 -15.95 4.50
C ALA A 202 5.91 -14.52 4.99
N TYR A 203 6.58 -13.72 4.15
CA TYR A 203 6.82 -12.31 4.43
C TYR A 203 5.49 -11.53 4.54
N VAL A 204 4.62 -11.71 3.55
CA VAL A 204 3.30 -11.08 3.59
C VAL A 204 2.53 -11.52 4.84
N GLU A 205 2.55 -12.82 5.14
CA GLU A 205 1.86 -13.31 6.33
C GLU A 205 2.45 -12.74 7.63
N ARG A 206 3.77 -12.56 7.69
CA ARG A 206 4.39 -11.96 8.86
C ARG A 206 3.84 -10.55 9.12
N GLY A 207 3.66 -9.78 8.05
CA GLY A 207 3.08 -8.44 8.18
C GLY A 207 1.61 -8.48 8.62
N LYS A 208 0.84 -9.37 8.00
CA LYS A 208 -0.59 -9.48 8.29
C LYS A 208 -0.86 -9.93 9.72
N ALA A 209 0.11 -10.61 10.35
CA ALA A 209 -0.04 -11.06 11.73
C ALA A 209 0.22 -9.96 12.76
N ARG A 210 0.74 -8.81 12.36
CA ARG A 210 1.01 -7.75 13.33
C ARG A 210 -0.29 -7.12 13.84
N PRO A 211 -0.37 -6.82 15.15
CA PRO A 211 -1.62 -6.25 15.67
C PRO A 211 -2.05 -4.95 15.00
N ALA A 212 -1.09 -4.10 14.62
CA ALA A 212 -1.46 -2.86 13.92
C ALA A 212 -2.09 -3.14 12.57
N PHE A 213 -1.63 -4.19 11.88
CA PHE A 213 -2.24 -4.55 10.61
C PHE A 213 -3.72 -4.92 10.84
N LYS A 214 -3.98 -5.71 11.87
CA LYS A 214 -5.35 -6.14 12.15
C LYS A 214 -6.22 -4.95 12.53
N ARG A 215 -5.68 -4.01 13.30
CA ARG A 215 -6.49 -2.83 13.65
C ARG A 215 -6.85 -2.03 12.40
N ALA A 216 -5.89 -1.84 11.51
CA ALA A 216 -6.15 -1.14 10.25
C ALA A 216 -7.14 -1.92 9.37
N PHE A 217 -6.95 -3.23 9.26
CA PHE A 217 -7.80 -4.05 8.43
C PHE A 217 -9.24 -4.04 8.95
N ASP A 218 -9.42 -4.18 10.25
CA ASP A 218 -10.77 -4.19 10.83
C ASP A 218 -11.46 -2.84 10.60
N ALA A 219 -10.70 -1.75 10.61
CA ALA A 219 -11.29 -0.45 10.39
C ALA A 219 -11.77 -0.24 8.95
N GLN A 220 -10.98 -0.65 7.96
CA GLN A 220 -11.47 -0.54 6.58
C GLN A 220 -12.67 -1.47 6.37
N LEU A 221 -12.67 -2.61 7.04
CA LEU A 221 -13.76 -3.58 6.89
C LEU A 221 -15.05 -2.99 7.48
N ALA A 222 -14.93 -2.23 8.57
CA ALA A 222 -16.09 -1.60 9.20
C ALA A 222 -16.71 -0.54 8.30
N VAL A 223 -15.89 0.18 7.54
CA VAL A 223 -16.42 1.11 6.57
C VAL A 223 -17.22 0.34 5.52
N PHE A 224 -16.67 -0.80 5.07
CA PHE A 224 -17.29 -1.66 4.06
C PHE A 224 -18.65 -2.21 4.52
N THR A 225 -18.72 -2.63 5.78
CA THR A 225 -19.91 -3.32 6.29
C THR A 225 -20.87 -2.35 6.96
N ALA A 226 -20.52 -1.07 6.99
CA ALA A 226 -21.35 -0.06 7.64
C ALA A 226 -22.75 -0.04 7.04
#